data_8TNK
#
_entry.id   8TNK
#
_cell.length_a   44.193
_cell.length_b   51.590
_cell.length_c   79.208
_cell.angle_alpha   90.00
_cell.angle_beta   92.44
_cell.angle_gamma   90.00
#
_symmetry.space_group_name_H-M   'P 1 21 1'
#
loop_
_entity.id
_entity.type
_entity.pdbx_description
1 polymer 'Cytochrome P450'
2 non-polymer '4-benzylbenzoic acid'
3 non-polymer 'PROTOPORPHYRIN IX CONTAINING FE'
4 non-polymer 'CHLORIDE ION'
5 water water
#
_entity_poly.entity_id   1
_entity_poly.type   'polypeptide(L)'
_entity_poly.pdbx_seq_one_letter_code
;MISNSSAESISAPPNDSTIPHLAIDPFSLDFFDDPYPDQQTLRDAGPVVYLDKWNVYGVARYAEVHAVLNDPTTFCSSRG
VGLSDFKKEKPWRPPSLILEADPPAHTRPRAVLSKVLSPATMKTIRDGFAAAADAKVDELLQRGCIDAIADLAEAYPLSV
FPDAMGLKQEGREHLLPYAGLVFNAFGPPNELRQTAIERSAPHQAYVNEQCQRPNLAPGGFGACIHAFTDTGEITPDEAP
LLVRSLLSAGLDETVNGIGAAVYCLARFPGELQRLRSDPTLARNAFEEAVRFESPVQTFFRTTTREVELGGAVIGEGEKV
LMFLGSANRDPRRWSDPDLYDITRKTSGHVGFGSGVHMCVGQLVARLEGEVMLSALARKVAAIDIDGPVKRRFNNTLRGL
ESLPVKLTPA
;
_entity_poly.pdbx_strand_id   A
#
loop_
_chem_comp.id
_chem_comp.type
_chem_comp.name
_chem_comp.formula
CL non-polymer 'CHLORIDE ION' 'Cl -1'
HEM non-polymer 'PROTOPORPHYRIN IX CONTAINING FE' 'C34 H32 Fe N4 O4'
IRJ non-polymer '4-benzylbenzoic acid' 'C14 H12 O2'
#
# COMPACT_ATOMS: atom_id res chain seq x y z
N THR A 18 1.55 31.12 -13.68
CA THR A 18 2.39 30.12 -14.34
C THR A 18 1.89 28.71 -14.04
N ILE A 19 1.48 28.48 -12.80
CA ILE A 19 1.04 27.16 -12.36
C ILE A 19 -0.47 27.07 -12.57
N PRO A 20 -0.96 26.08 -13.31
CA PRO A 20 -2.41 25.96 -13.50
C PRO A 20 -3.11 25.60 -12.20
N HIS A 21 -4.23 26.25 -11.95
CA HIS A 21 -5.07 25.96 -10.80
C HIS A 21 -6.23 25.09 -11.25
N LEU A 22 -6.42 23.96 -10.58
CA LEU A 22 -7.49 23.05 -10.91
C LEU A 22 -8.41 22.87 -9.71
N ALA A 23 -9.69 22.64 -9.99
CA ALA A 23 -10.71 22.42 -8.97
C ALA A 23 -10.97 20.94 -8.71
N ILE A 24 -10.21 20.06 -9.34
CA ILE A 24 -10.38 18.62 -9.13
C ILE A 24 -10.14 18.29 -7.66
N ASP A 25 -11.07 17.54 -7.06
CA ASP A 25 -10.91 17.04 -5.71
C ASP A 25 -10.47 15.59 -5.76
N PRO A 26 -9.19 15.28 -5.53
CA PRO A 26 -8.73 13.90 -5.62
C PRO A 26 -9.19 13.02 -4.46
N PHE A 27 -9.92 13.58 -3.50
CA PHE A 27 -10.45 12.81 -2.38
C PHE A 27 -11.98 12.77 -2.37
N SER A 28 -12.60 13.09 -3.50
CA SER A 28 -14.04 12.99 -3.64
C SER A 28 -14.42 11.60 -4.13
N LEU A 29 -15.65 11.20 -3.81
CA LEU A 29 -16.12 9.87 -4.22
C LEU A 29 -16.20 9.76 -5.74
N ASP A 30 -16.51 10.86 -6.42
N ASP A 30 -16.50 10.86 -6.43
CA ASP A 30 -16.53 10.86 -7.88
CA ASP A 30 -16.53 10.81 -7.89
C ASP A 30 -15.15 10.53 -8.45
C ASP A 30 -15.15 10.53 -8.46
N PHE A 31 -14.10 11.11 -7.86
CA PHE A 31 -12.74 10.82 -8.29
C PHE A 31 -12.38 9.36 -8.02
N PHE A 32 -12.71 8.85 -6.82
CA PHE A 32 -12.42 7.47 -6.49
C PHE A 32 -13.08 6.50 -7.47
N ASP A 33 -14.31 6.81 -7.87
CA ASP A 33 -15.05 5.88 -8.74
C ASP A 33 -14.37 5.71 -10.08
N ASP A 34 -13.70 6.75 -10.58
CA ASP A 34 -12.98 6.67 -11.84
C ASP A 34 -11.93 7.77 -11.87
N PRO A 35 -10.72 7.51 -11.37
CA PRO A 35 -9.70 8.57 -11.29
C PRO A 35 -8.90 8.80 -12.56
N TYR A 36 -8.97 7.91 -13.54
CA TYR A 36 -8.00 7.93 -14.62
C TYR A 36 -8.18 9.10 -15.57
N PRO A 37 -9.40 9.51 -15.94
CA PRO A 37 -9.53 10.73 -16.76
C PRO A 37 -9.02 11.98 -16.06
N ASP A 38 -9.32 12.15 -14.78
CA ASP A 38 -8.81 13.31 -14.05
C ASP A 38 -7.29 13.24 -13.88
N GLN A 39 -6.73 12.02 -13.82
CA GLN A 39 -5.29 11.90 -13.69
C GLN A 39 -4.57 12.32 -14.96
N GLN A 40 -5.14 12.01 -16.12
CA GLN A 40 -4.59 12.55 -17.35
C GLN A 40 -4.71 14.07 -17.38
N THR A 41 -5.86 14.60 -16.96
CA THR A 41 -6.03 16.05 -16.88
C THR A 41 -4.98 16.68 -15.98
N LEU A 42 -4.68 16.05 -14.86
CA LEU A 42 -3.64 16.56 -13.96
C LEU A 42 -2.27 16.45 -14.58
N ARG A 43 -1.99 15.34 -15.27
CA ARG A 43 -0.69 15.17 -15.93
C ARG A 43 -0.51 16.18 -17.05
N ASP A 44 -1.53 16.38 -17.88
CA ASP A 44 -1.41 17.20 -19.07
C ASP A 44 -1.53 18.69 -18.79
N ALA A 45 -2.02 19.08 -17.60
CA ALA A 45 -2.09 20.50 -17.28
C ALA A 45 -0.70 21.10 -17.09
N GLY A 46 0.26 20.29 -16.67
CA GLY A 46 1.61 20.75 -16.44
C GLY A 46 2.33 19.84 -15.45
N PRO A 47 3.65 19.99 -15.34
CA PRO A 47 4.40 19.15 -14.39
C PRO A 47 4.04 19.43 -12.94
N VAL A 48 3.62 20.65 -12.62
CA VAL A 48 3.20 21.01 -11.28
C VAL A 48 1.88 21.77 -11.38
N VAL A 49 0.88 21.34 -10.60
CA VAL A 49 -0.41 22.00 -10.55
C VAL A 49 -0.68 22.45 -9.13
N TYR A 50 -1.68 23.32 -8.98
CA TYR A 50 -2.17 23.75 -7.68
C TYR A 50 -3.63 23.34 -7.57
N LEU A 51 -3.97 22.65 -6.47
CA LEU A 51 -5.32 22.15 -6.24
C LEU A 51 -6.03 23.11 -5.28
N ASP A 52 -6.92 23.95 -5.84
CA ASP A 52 -7.59 24.98 -5.05
C ASP A 52 -8.50 24.41 -3.97
N LYS A 53 -8.97 23.17 -4.13
CA LYS A 53 -9.91 22.59 -3.18
C LYS A 53 -9.27 22.40 -1.81
N TRP A 54 -7.97 22.11 -1.78
CA TRP A 54 -7.27 21.81 -0.53
C TRP A 54 -6.03 22.67 -0.32
N ASN A 55 -5.73 23.59 -1.24
CA ASN A 55 -4.57 24.47 -1.13
C ASN A 55 -3.27 23.70 -1.01
N VAL A 56 -3.04 22.78 -1.96
CA VAL A 56 -1.81 22.01 -2.03
C VAL A 56 -1.32 22.00 -3.47
N TYR A 57 -0.01 21.77 -3.61
CA TYR A 57 0.57 21.53 -4.92
C TYR A 57 0.42 20.05 -5.28
N GLY A 58 0.31 19.78 -6.57
CA GLY A 58 0.16 18.41 -7.04
C GLY A 58 1.11 18.10 -8.19
N VAL A 59 1.64 16.88 -8.17
CA VAL A 59 2.48 16.36 -9.25
C VAL A 59 1.94 14.99 -9.64
N ALA A 60 1.61 14.82 -10.91
CA ALA A 60 0.99 13.59 -11.38
C ALA A 60 1.79 12.86 -12.46
N ARG A 61 2.87 13.44 -12.97
CA ARG A 61 3.71 12.76 -13.93
C ARG A 61 4.77 11.93 -13.22
N TYR A 62 5.26 10.90 -13.90
CA TYR A 62 6.26 10.02 -13.31
C TYR A 62 7.51 10.79 -12.92
N ALA A 63 8.00 11.66 -13.80
CA ALA A 63 9.26 12.35 -13.57
C ALA A 63 9.23 13.14 -12.28
N GLU A 64 8.18 13.94 -12.06
CA GLU A 64 8.13 14.81 -10.89
C GLU A 64 7.84 14.02 -9.61
N VAL A 65 6.97 13.00 -9.70
CA VAL A 65 6.74 12.13 -8.55
C VAL A 65 8.04 11.48 -8.11
N HIS A 66 8.78 10.91 -9.07
CA HIS A 66 10.06 10.28 -8.76
C HIS A 66 11.05 11.27 -8.18
N ALA A 67 11.10 12.49 -8.74
CA ALA A 67 12.03 13.49 -8.23
C ALA A 67 11.70 13.89 -6.80
N VAL A 68 10.42 14.08 -6.50
CA VAL A 68 10.03 14.46 -5.14
C VAL A 68 10.34 13.36 -4.15
N LEU A 69 10.05 12.10 -4.53
CA LEU A 69 10.31 10.99 -3.62
C LEU A 69 11.80 10.86 -3.29
N ASN A 70 12.67 11.21 -4.23
CA ASN A 70 14.10 11.01 -4.06
C ASN A 70 14.82 12.27 -3.58
N ASP A 71 14.07 13.29 -3.13
CA ASP A 71 14.63 14.46 -2.48
C ASP A 71 13.99 14.61 -1.10
N PRO A 72 14.36 13.76 -0.14
CA PRO A 72 13.73 13.83 1.18
C PRO A 72 14.16 15.03 2.01
N THR A 73 15.30 15.66 1.68
CA THR A 73 15.71 16.86 2.40
C THR A 73 14.78 18.03 2.07
N THR A 74 14.46 18.22 0.80
CA THR A 74 13.58 19.31 0.40
C THR A 74 12.12 18.97 0.66
N PHE A 75 11.70 17.75 0.34
CA PHE A 75 10.33 17.29 0.48
C PHE A 75 10.29 16.29 1.63
N CYS A 76 10.12 16.82 2.85
CA CYS A 76 10.29 16.02 4.04
C CYS A 76 9.01 15.26 4.39
N SER A 77 9.16 14.26 5.27
CA SER A 77 8.03 13.48 5.77
C SER A 77 7.69 13.75 7.23
N SER A 78 8.59 14.42 7.98
CA SER A 78 8.36 14.61 9.42
C SER A 78 7.26 15.59 9.73
N ARG A 79 6.85 16.42 8.76
CA ARG A 79 5.67 17.25 8.93
C ARG A 79 4.39 16.56 8.47
N GLY A 80 4.45 15.24 8.30
CA GLY A 80 3.28 14.45 7.93
C GLY A 80 3.26 14.09 6.46
N VAL A 81 2.86 12.86 6.14
CA VAL A 81 2.66 12.45 4.75
C VAL A 81 1.19 12.50 4.34
N GLY A 82 0.33 13.02 5.23
CA GLY A 82 -1.03 13.35 4.86
C GLY A 82 -1.19 14.83 4.58
N LEU A 83 -2.45 15.25 4.44
CA LEU A 83 -2.71 16.67 4.21
C LEU A 83 -2.27 17.50 5.40
N SER A 84 -2.47 16.99 6.61
CA SER A 84 -2.20 17.76 7.81
C SER A 84 -0.72 18.06 7.97
N ASP A 85 -0.40 19.32 8.26
CA ASP A 85 0.96 19.76 8.52
C ASP A 85 1.21 19.67 10.03
N PHE A 86 2.10 18.74 10.43
CA PHE A 86 2.35 18.53 11.85
C PHE A 86 2.90 19.77 12.55
N LYS A 87 3.47 20.71 11.79
CA LYS A 87 3.92 21.96 12.38
C LYS A 87 2.76 22.91 12.67
N LYS A 88 1.57 22.64 12.12
CA LYS A 88 0.39 23.46 12.33
C LYS A 88 -0.70 22.76 13.11
N GLU A 89 -0.87 21.45 12.96
CA GLU A 89 -1.91 20.70 13.64
C GLU A 89 -1.30 19.55 14.42
N LYS A 90 -2.06 19.07 15.39
CA LYS A 90 -1.63 17.90 16.15
C LYS A 90 -1.92 16.64 15.35
N PRO A 91 -0.97 15.71 15.26
CA PRO A 91 -1.27 14.43 14.60
C PRO A 91 -2.35 13.69 15.35
N TRP A 92 -3.17 12.94 14.62
CA TRP A 92 -4.27 12.22 15.24
C TRP A 92 -3.78 11.08 16.13
N ARG A 93 -2.56 10.61 15.93
CA ARG A 93 -1.91 9.62 16.75
C ARG A 93 -0.44 9.99 16.83
N PRO A 94 0.29 9.48 17.82
CA PRO A 94 1.74 9.73 17.88
C PRO A 94 2.41 9.38 16.56
N PRO A 95 3.29 10.25 16.06
CA PRO A 95 3.86 10.02 14.73
C PRO A 95 4.63 8.72 14.65
N SER A 96 4.54 8.08 13.47
CA SER A 96 5.34 6.90 13.20
C SER A 96 6.81 7.23 13.27
N LEU A 97 7.59 6.32 13.86
CA LEU A 97 9.04 6.53 13.99
C LEU A 97 9.79 6.31 12.68
N ILE A 98 9.12 5.82 11.64
CA ILE A 98 9.76 5.51 10.37
C ILE A 98 9.09 6.25 9.21
N LEU A 99 7.76 6.16 9.11
CA LEU A 99 7.07 6.79 7.99
C LEU A 99 7.09 8.32 8.11
N GLU A 100 6.89 8.83 9.31
CA GLU A 100 6.77 10.26 9.55
C GLU A 100 8.03 10.81 10.22
N ALA A 101 9.18 10.28 9.81
CA ALA A 101 10.49 10.73 10.27
C ALA A 101 11.40 10.94 9.08
N ASP A 102 12.33 11.87 9.22
CA ASP A 102 13.33 12.19 8.22
C ASP A 102 14.69 11.69 8.66
N PRO A 103 15.63 11.51 7.73
CA PRO A 103 17.01 11.26 8.12
C PRO A 103 17.55 12.43 8.93
N PRO A 104 18.35 12.18 9.99
CA PRO A 104 18.86 10.87 10.39
C PRO A 104 17.97 10.08 11.36
N ALA A 105 16.93 10.69 11.92
CA ALA A 105 16.09 9.97 12.87
C ALA A 105 15.41 8.77 12.24
N HIS A 106 15.19 8.82 10.93
CA HIS A 106 14.55 7.73 10.22
C HIS A 106 15.48 6.53 10.07
N THR A 107 16.79 6.77 10.06
CA THR A 107 17.75 5.79 9.56
C THR A 107 17.77 4.52 10.40
N ARG A 108 17.94 4.65 11.72
CA ARG A 108 18.12 3.45 12.52
C ARG A 108 16.83 2.65 12.71
N PRO A 109 15.67 3.28 12.93
CA PRO A 109 14.43 2.48 12.91
C PRO A 109 14.18 1.80 11.57
N ARG A 110 14.52 2.47 10.46
CA ARG A 110 14.40 1.84 9.15
C ARG A 110 15.28 0.60 9.06
N ALA A 111 16.51 0.69 9.58
CA ALA A 111 17.43 -0.45 9.53
C ALA A 111 16.88 -1.64 10.30
N VAL A 112 16.24 -1.40 11.44
CA VAL A 112 15.68 -2.49 12.24
C VAL A 112 14.56 -3.18 11.47
N LEU A 113 13.62 -2.41 10.95
CA LEU A 113 12.55 -3.01 10.14
C LEU A 113 13.10 -3.67 8.89
N SER A 114 14.18 -3.12 8.33
N SER A 114 14.18 -3.12 8.33
CA SER A 114 14.82 -3.74 7.18
CA SER A 114 14.82 -3.74 7.17
C SER A 114 15.50 -5.05 7.52
C SER A 114 15.48 -5.07 7.53
N LYS A 115 15.86 -5.26 8.79
CA LYS A 115 16.44 -6.52 9.24
C LYS A 115 15.39 -7.49 9.75
N VAL A 116 14.21 -6.99 10.14
CA VAL A 116 13.13 -7.86 10.61
C VAL A 116 12.39 -8.49 9.43
N LEU A 117 12.16 -7.72 8.37
CA LEU A 117 11.50 -8.18 7.16
C LEU A 117 12.50 -8.42 6.03
N SER A 118 13.60 -9.08 6.34
CA SER A 118 14.76 -9.17 5.46
C SER A 118 14.63 -10.32 4.48
N PRO A 119 15.47 -10.34 3.44
CA PRO A 119 15.51 -11.53 2.57
C PRO A 119 15.71 -12.83 3.33
N ALA A 120 16.53 -12.82 4.38
CA ALA A 120 16.73 -14.03 5.17
C ALA A 120 15.47 -14.43 5.93
N THR A 121 14.68 -13.45 6.38
CA THR A 121 13.45 -13.77 7.09
C THR A 121 12.41 -14.39 6.16
N MET A 122 12.36 -13.96 4.91
CA MET A 122 11.40 -14.53 3.96
C MET A 122 11.61 -16.03 3.82
N LYS A 123 12.86 -16.50 3.91
CA LYS A 123 13.13 -17.93 3.83
C LYS A 123 12.41 -18.70 4.93
N THR A 124 12.28 -18.10 6.13
CA THR A 124 11.67 -18.81 7.25
C THR A 124 10.16 -18.91 7.12
N ILE A 125 9.51 -18.02 6.36
CA ILE A 125 8.06 -17.99 6.30
C ILE A 125 7.50 -18.41 4.94
N ARG A 126 8.34 -18.60 3.92
CA ARG A 126 7.82 -18.80 2.57
C ARG A 126 7.02 -20.10 2.45
N ASP A 127 7.51 -21.18 3.06
CA ASP A 127 6.81 -22.46 2.90
C ASP A 127 5.43 -22.43 3.54
N GLY A 128 5.30 -21.84 4.72
CA GLY A 128 3.99 -21.73 5.35
C GLY A 128 3.08 -20.78 4.60
N PHE A 129 3.64 -19.70 4.05
CA PHE A 129 2.85 -18.77 3.26
C PHE A 129 2.33 -19.43 1.99
N ALA A 130 3.20 -20.20 1.31
CA ALA A 130 2.79 -20.86 0.08
C ALA A 130 1.76 -21.96 0.35
N ALA A 131 1.95 -22.73 1.43
CA ALA A 131 0.98 -23.78 1.76
C ALA A 131 -0.39 -23.19 2.06
N ALA A 132 -0.43 -22.07 2.80
CA ALA A 132 -1.71 -21.43 3.09
C ALA A 132 -2.38 -20.90 1.83
N ALA A 133 -1.58 -20.42 0.87
CA ALA A 133 -2.16 -19.95 -0.39
C ALA A 133 -2.75 -21.09 -1.20
N ASP A 134 -2.02 -22.20 -1.30
CA ASP A 134 -2.57 -23.38 -1.98
C ASP A 134 -3.82 -23.88 -1.28
N ALA A 135 -3.82 -23.88 0.05
CA ALA A 135 -4.96 -24.39 0.79
C ALA A 135 -6.20 -23.52 0.59
N LYS A 136 -6.02 -22.20 0.52
CA LYS A 136 -7.14 -21.31 0.31
C LYS A 136 -7.75 -21.49 -1.08
N VAL A 137 -6.90 -21.62 -2.10
CA VAL A 137 -7.43 -21.80 -3.46
C VAL A 137 -8.16 -23.13 -3.58
N ASP A 138 -7.62 -24.19 -2.97
CA ASP A 138 -8.32 -25.48 -2.95
C ASP A 138 -9.68 -25.34 -2.26
N GLU A 139 -9.72 -24.62 -1.14
CA GLU A 139 -10.97 -24.42 -0.43
C GLU A 139 -11.96 -23.63 -1.27
N LEU A 140 -11.50 -22.56 -1.93
CA LEU A 140 -12.39 -21.75 -2.74
C LEU A 140 -12.92 -22.51 -3.94
N LEU A 141 -12.07 -23.36 -4.54
CA LEU A 141 -12.51 -24.16 -5.68
C LEU A 141 -13.61 -25.15 -5.31
N GLN A 142 -13.70 -25.55 -4.04
CA GLN A 142 -14.80 -26.42 -3.62
C GLN A 142 -16.12 -25.66 -3.58
N ARG A 143 -16.07 -24.35 -3.33
CA ARG A 143 -17.27 -23.52 -3.31
C ARG A 143 -17.67 -23.05 -4.71
N GLY A 144 -16.69 -22.83 -5.59
CA GLY A 144 -16.99 -22.42 -6.95
C GLY A 144 -17.19 -20.91 -7.08
N CYS A 145 -18.36 -20.42 -6.69
CA CYS A 145 -18.67 -19.00 -6.74
C CYS A 145 -18.32 -18.37 -5.39
N ILE A 146 -17.38 -17.43 -5.41
CA ILE A 146 -16.85 -16.82 -4.20
C ILE A 146 -16.81 -15.31 -4.39
N ASP A 147 -16.51 -14.60 -3.31
CA ASP A 147 -16.19 -13.18 -3.34
C ASP A 147 -14.67 -13.07 -3.24
N ALA A 148 -14.02 -12.69 -4.36
CA ALA A 148 -12.57 -12.65 -4.40
C ALA A 148 -11.98 -11.60 -3.46
N ILE A 149 -12.79 -10.71 -2.90
CA ILE A 149 -12.27 -9.77 -1.90
C ILE A 149 -12.34 -10.45 -0.53
N ALA A 150 -13.55 -10.63 0.00
CA ALA A 150 -13.70 -11.16 1.35
C ALA A 150 -13.11 -12.55 1.48
N ASP A 151 -13.33 -13.42 0.49
CA ASP A 151 -12.98 -14.82 0.61
C ASP A 151 -11.56 -15.13 0.15
N LEU A 152 -10.87 -14.19 -0.48
CA LEU A 152 -9.56 -14.46 -1.03
C LEU A 152 -8.60 -13.32 -0.70
N ALA A 153 -8.87 -12.14 -1.26
CA ALA A 153 -7.96 -11.01 -1.08
C ALA A 153 -7.82 -10.62 0.38
N GLU A 154 -8.92 -10.70 1.14
CA GLU A 154 -8.87 -10.42 2.58
C GLU A 154 -8.50 -11.65 3.38
N ALA A 155 -9.09 -12.81 3.03
CA ALA A 155 -8.94 -14.00 3.85
C ALA A 155 -7.49 -14.49 3.89
N TYR A 156 -6.80 -14.47 2.74
CA TYR A 156 -5.45 -15.04 2.73
C TYR A 156 -4.47 -14.22 3.56
N PRO A 157 -4.31 -12.90 3.37
CA PRO A 157 -3.40 -12.16 4.26
C PRO A 157 -3.75 -12.30 5.73
N LEU A 158 -5.03 -12.35 6.06
CA LEU A 158 -5.43 -12.54 7.44
C LEU A 158 -5.06 -13.93 7.96
N SER A 159 -4.82 -14.90 7.07
CA SER A 159 -4.49 -16.25 7.49
C SER A 159 -2.99 -16.46 7.68
N VAL A 160 -2.15 -15.51 7.26
CA VAL A 160 -0.71 -15.67 7.36
C VAL A 160 -0.05 -14.53 8.13
N PHE A 161 -0.49 -13.28 7.91
CA PHE A 161 0.28 -12.16 8.45
C PHE A 161 0.11 -11.99 9.96
N PRO A 162 -1.09 -12.04 10.53
CA PRO A 162 -1.17 -11.93 12.01
C PRO A 162 -0.40 -13.01 12.73
N ASP A 163 -0.36 -14.23 12.19
CA ASP A 163 0.46 -15.28 12.80
C ASP A 163 1.94 -14.97 12.66
N ALA A 164 2.35 -14.44 11.50
CA ALA A 164 3.75 -14.06 11.33
C ALA A 164 4.15 -12.91 12.24
N MET A 165 3.20 -12.04 12.58
CA MET A 165 3.47 -10.97 13.55
C MET A 165 3.62 -11.50 14.96
N GLY A 166 3.03 -12.65 15.26
CA GLY A 166 2.98 -13.15 16.61
C GLY A 166 1.80 -12.66 17.41
N LEU A 167 0.71 -12.29 16.74
CA LEU A 167 -0.48 -11.80 17.42
C LEU A 167 -1.31 -12.95 17.97
N LYS A 168 -1.94 -12.70 19.11
CA LYS A 168 -2.92 -13.64 19.64
C LYS A 168 -4.13 -13.72 18.71
N GLN A 169 -5.04 -14.63 19.04
CA GLN A 169 -6.22 -14.83 18.19
C GLN A 169 -7.31 -13.79 18.46
N GLU A 170 -7.59 -13.51 19.72
CA GLU A 170 -8.66 -12.57 20.04
C GLU A 170 -8.30 -11.15 19.63
N GLY A 171 -9.28 -10.44 19.09
CA GLY A 171 -9.11 -9.05 18.71
C GLY A 171 -8.66 -8.82 17.28
N ARG A 172 -8.41 -9.89 16.51
CA ARG A 172 -7.92 -9.71 15.15
C ARG A 172 -8.93 -8.98 14.27
N GLU A 173 -10.21 -8.97 14.64
CA GLU A 173 -11.21 -8.22 13.90
C GLU A 173 -10.96 -6.72 13.91
N HIS A 174 -10.07 -6.23 14.79
CA HIS A 174 -9.71 -4.82 14.79
C HIS A 174 -8.69 -4.46 13.72
N LEU A 175 -8.03 -5.45 13.10
CA LEU A 175 -6.89 -5.17 12.23
C LEU A 175 -7.32 -4.45 10.96
N LEU A 176 -8.32 -4.99 10.26
CA LEU A 176 -8.79 -4.34 9.04
C LEU A 176 -9.38 -2.94 9.30
N PRO A 177 -10.21 -2.72 10.33
CA PRO A 177 -10.67 -1.35 10.59
C PRO A 177 -9.55 -0.38 10.92
N TYR A 178 -8.56 -0.80 11.71
CA TYR A 178 -7.46 0.10 12.05
C TYR A 178 -6.65 0.46 10.80
N ALA A 179 -6.40 -0.52 9.93
CA ALA A 179 -5.68 -0.24 8.68
C ALA A 179 -6.42 0.79 7.84
N GLY A 180 -7.73 0.58 7.64
CA GLY A 180 -8.50 1.54 6.87
C GLY A 180 -8.55 2.91 7.52
N LEU A 181 -8.55 2.96 8.85
CA LEU A 181 -8.53 4.23 9.56
C LEU A 181 -7.22 4.98 9.32
N VAL A 182 -6.10 4.26 9.40
CA VAL A 182 -4.79 4.89 9.19
C VAL A 182 -4.75 5.60 7.84
N PHE A 183 -5.18 4.91 6.78
CA PHE A 183 -5.08 5.49 5.45
C PHE A 183 -6.13 6.55 5.19
N ASN A 184 -7.32 6.42 5.79
CA ASN A 184 -8.29 7.51 5.70
C ASN A 184 -7.79 8.77 6.39
N ALA A 185 -6.98 8.61 7.46
CA ALA A 185 -6.51 9.75 8.22
C ALA A 185 -5.41 10.54 7.49
N PHE A 186 -4.77 9.95 6.48
CA PHE A 186 -3.87 10.73 5.65
C PHE A 186 -4.61 11.74 4.79
N GLY A 187 -5.93 11.57 4.63
CA GLY A 187 -6.68 12.41 3.74
C GLY A 187 -7.04 13.75 4.35
N PRO A 188 -7.77 14.54 3.58
CA PRO A 188 -8.24 15.83 4.08
C PRO A 188 -9.34 15.63 5.11
N PRO A 189 -9.68 16.67 5.87
CA PRO A 189 -10.77 16.53 6.84
C PRO A 189 -12.14 16.46 6.17
N ASN A 190 -12.38 15.41 5.39
CA ASN A 190 -13.67 15.17 4.77
C ASN A 190 -14.44 14.17 5.61
N GLU A 191 -15.62 13.75 5.11
CA GLU A 191 -16.46 12.85 5.89
C GLU A 191 -15.79 11.50 6.09
N LEU A 192 -15.06 11.00 5.09
CA LEU A 192 -14.37 9.72 5.24
C LEU A 192 -13.38 9.76 6.41
N ARG A 193 -12.64 10.87 6.54
CA ARG A 193 -11.65 10.95 7.60
C ARG A 193 -12.32 11.16 8.96
N GLN A 194 -13.34 12.00 9.01
CA GLN A 194 -13.95 12.32 10.30
C GLN A 194 -14.65 11.11 10.91
N THR A 195 -15.41 10.37 10.11
CA THR A 195 -16.10 9.20 10.65
C THR A 195 -15.12 8.11 11.04
N ALA A 196 -14.02 7.96 10.31
CA ALA A 196 -13.02 6.95 10.67
C ALA A 196 -12.43 7.25 12.05
N ILE A 197 -12.01 8.50 12.28
CA ILE A 197 -11.45 8.86 13.58
C ILE A 197 -12.51 8.78 14.67
N GLU A 198 -13.76 9.09 14.33
CA GLU A 198 -14.84 9.03 15.31
C GLU A 198 -14.98 7.62 15.89
N ARG A 199 -14.80 6.59 15.07
CA ARG A 199 -14.98 5.21 15.48
C ARG A 199 -13.67 4.52 15.86
N SER A 200 -12.61 5.29 16.08
CA SER A 200 -11.26 4.73 16.13
C SER A 200 -10.85 4.21 17.50
N ALA A 201 -11.44 4.71 18.59
CA ALA A 201 -10.93 4.44 19.93
C ALA A 201 -10.75 2.95 20.23
N PRO A 202 -11.71 2.06 19.96
CA PRO A 202 -11.48 0.64 20.26
C PRO A 202 -10.37 0.03 19.43
N HIS A 203 -10.19 0.47 18.18
CA HIS A 203 -9.15 -0.11 17.34
C HIS A 203 -7.76 0.35 17.78
N GLN A 204 -7.65 1.62 18.18
CA GLN A 204 -6.37 2.11 18.70
C GLN A 204 -5.99 1.39 19.99
N ALA A 205 -6.97 1.15 20.87
CA ALA A 205 -6.68 0.50 22.14
C ALA A 205 -6.17 -0.93 21.94
N TYR A 206 -6.78 -1.66 21.01
CA TYR A 206 -6.31 -3.01 20.71
C TYR A 206 -4.90 -2.99 20.13
N VAL A 207 -4.68 -2.16 19.11
CA VAL A 207 -3.39 -2.15 18.42
C VAL A 207 -2.27 -1.76 19.38
N ASN A 208 -2.48 -0.70 20.15
CA ASN A 208 -1.43 -0.24 21.07
C ASN A 208 -1.08 -1.31 22.08
N GLU A 209 -2.08 -2.05 22.57
CA GLU A 209 -1.81 -3.08 23.57
C GLU A 209 -1.02 -4.24 22.97
N GLN A 210 -1.33 -4.65 21.74
CA GLN A 210 -0.59 -5.75 21.12
C GLN A 210 0.86 -5.38 20.78
N CYS A 211 1.21 -4.09 20.86
CA CYS A 211 2.57 -3.66 20.57
C CYS A 211 3.51 -3.89 21.74
N GLN A 212 2.99 -4.21 22.92
CA GLN A 212 3.82 -4.47 24.09
C GLN A 212 4.45 -5.85 23.99
N ARG A 213 5.72 -5.93 24.41
CA ARG A 213 6.50 -7.15 24.24
C ARG A 213 5.83 -8.44 24.74
N PRO A 214 5.17 -8.46 25.92
CA PRO A 214 4.57 -9.74 26.37
C PRO A 214 3.45 -10.26 25.48
N ASN A 215 2.89 -9.44 24.60
CA ASN A 215 1.75 -9.85 23.79
C ASN A 215 2.16 -10.34 22.39
N LEU A 216 3.46 -10.49 22.14
CA LEU A 216 3.96 -10.86 20.82
C LEU A 216 4.68 -12.20 20.93
N ALA A 217 4.17 -13.20 20.21
CA ALA A 217 4.66 -14.57 20.35
C ALA A 217 6.12 -14.67 19.89
N PRO A 218 6.90 -15.54 20.53
CA PRO A 218 8.33 -15.63 20.17
C PRO A 218 8.50 -16.08 18.74
N GLY A 219 9.54 -15.54 18.09
CA GLY A 219 9.85 -15.88 16.72
C GLY A 219 9.15 -15.02 15.67
N GLY A 220 8.10 -14.28 16.05
CA GLY A 220 7.37 -13.46 15.12
C GLY A 220 8.01 -12.10 14.90
N PHE A 221 7.40 -11.34 13.98
CA PHE A 221 7.94 -10.03 13.62
C PHE A 221 7.99 -9.12 14.83
N GLY A 222 6.91 -9.09 15.61
CA GLY A 222 6.85 -8.19 16.75
C GLY A 222 7.90 -8.50 17.80
N ALA A 223 8.07 -9.79 18.12
CA ALA A 223 9.11 -10.17 19.07
C ALA A 223 10.50 -9.84 18.53
N CYS A 224 10.70 -9.95 17.22
CA CYS A 224 12.00 -9.64 16.63
CA CYS A 224 12.00 -9.64 16.64
C CYS A 224 12.32 -8.16 16.72
N ILE A 225 11.30 -7.30 16.60
CA ILE A 225 11.53 -5.86 16.75
C ILE A 225 11.99 -5.55 18.17
N HIS A 226 11.31 -6.12 19.17
CA HIS A 226 11.72 -5.90 20.55
C HIS A 226 13.11 -6.48 20.82
N ALA A 227 13.50 -7.51 20.07
CA ALA A 227 14.82 -8.11 20.29
C ALA A 227 15.94 -7.21 19.82
N PHE A 228 15.66 -6.30 18.88
CA PHE A 228 16.68 -5.38 18.39
C PHE A 228 16.93 -4.22 19.34
N THR A 229 16.22 -4.16 20.47
CA THR A 229 16.38 -3.05 21.39
C THR A 229 17.70 -3.08 22.15
N ASP A 230 18.39 -4.23 22.13
N ASP A 230 18.41 -4.20 22.16
CA ASP A 230 19.68 -4.42 22.82
CA ASP A 230 19.68 -4.25 22.87
C ASP A 230 20.85 -3.91 22.01
C ASP A 230 20.89 -4.08 21.97
N THR A 231 20.68 -3.68 20.71
CA THR A 231 21.78 -3.45 19.79
C THR A 231 22.24 -2.01 19.71
N GLY A 232 21.46 -1.07 20.25
CA GLY A 232 21.76 0.34 20.09
C GLY A 232 21.12 0.97 18.88
N GLU A 233 20.35 0.22 18.09
CA GLU A 233 19.67 0.81 16.94
C GLU A 233 18.35 1.45 17.35
N ILE A 234 17.60 0.79 18.26
CA ILE A 234 16.43 1.37 18.88
C ILE A 234 16.46 1.05 20.37
N THR A 235 15.76 1.87 21.15
CA THR A 235 15.64 1.62 22.56
C THR A 235 14.35 0.88 22.86
N PRO A 236 14.24 0.24 24.03
CA PRO A 236 13.00 -0.49 24.35
C PRO A 236 11.74 0.36 24.26
N ASP A 237 11.80 1.65 24.58
CA ASP A 237 10.60 2.47 24.48
C ASP A 237 10.23 2.82 23.05
N GLU A 238 11.12 2.57 22.08
CA GLU A 238 10.80 2.76 20.66
C GLU A 238 10.12 1.56 20.02
N ALA A 239 10.30 0.36 20.60
CA ALA A 239 9.80 -0.85 19.97
C ALA A 239 8.28 -0.88 19.82
N PRO A 240 7.46 -0.47 20.81
CA PRO A 240 6.00 -0.54 20.60
C PRO A 240 5.53 0.24 19.38
N LEU A 241 6.06 1.45 19.16
CA LEU A 241 5.64 2.23 18.00
C LEU A 241 6.11 1.62 16.69
N LEU A 242 7.27 0.93 16.69
CA LEU A 242 7.72 0.26 15.48
C LEU A 242 6.85 -0.96 15.17
N VAL A 243 6.43 -1.69 16.20
CA VAL A 243 5.44 -2.75 15.99
C VAL A 243 4.14 -2.17 15.45
N ARG A 244 3.76 -0.99 15.94
CA ARG A 244 2.55 -0.33 15.44
C ARG A 244 2.62 -0.08 13.94
N SER A 245 3.81 0.20 13.42
CA SER A 245 3.96 0.38 11.98
C SER A 245 3.54 -0.86 11.21
N LEU A 246 3.96 -2.04 11.68
CA LEU A 246 3.61 -3.29 11.01
C LEU A 246 2.15 -3.70 11.24
N LEU A 247 1.45 -3.07 12.18
CA LEU A 247 0.01 -3.27 12.33
C LEU A 247 -0.80 -2.18 11.64
N SER A 248 -0.14 -1.15 11.13
CA SER A 248 -0.79 -0.09 10.37
C SER A 248 -0.68 -0.32 8.87
N ALA A 249 0.53 -0.64 8.42
CA ALA A 249 0.82 -0.86 7.02
C ALA A 249 0.82 -2.35 6.71
N GLY A 250 0.69 -2.67 5.42
CA GLY A 250 0.85 -4.04 4.99
C GLY A 250 -0.42 -4.81 4.71
N LEU A 251 -1.43 -4.66 5.57
N LEU A 251 -1.43 -4.66 5.57
CA LEU A 251 -2.67 -5.42 5.42
CA LEU A 251 -2.67 -5.42 5.42
C LEU A 251 -3.50 -4.93 4.25
C LEU A 251 -3.48 -4.92 4.23
N ASP A 252 -3.99 -3.69 4.33
CA ASP A 252 -4.94 -3.20 3.32
C ASP A 252 -4.31 -3.11 1.94
N GLU A 253 -3.04 -2.69 1.85
CA GLU A 253 -2.38 -2.59 0.55
C GLU A 253 -2.24 -3.95 -0.10
N THR A 254 -1.84 -4.97 0.67
CA THR A 254 -1.70 -6.31 0.13
C THR A 254 -3.05 -6.88 -0.26
N VAL A 255 -4.06 -6.67 0.59
CA VAL A 255 -5.42 -7.09 0.25
C VAL A 255 -5.85 -6.46 -1.08
N ASN A 256 -5.66 -5.15 -1.21
CA ASN A 256 -6.07 -4.47 -2.44
C ASN A 256 -5.25 -4.92 -3.63
N GLY A 257 -3.94 -5.12 -3.43
CA GLY A 257 -3.09 -5.58 -4.53
C GLY A 257 -3.47 -6.96 -5.02
N ILE A 258 -3.78 -7.87 -4.08
CA ILE A 258 -4.19 -9.22 -4.47
C ILE A 258 -5.54 -9.18 -5.18
N GLY A 259 -6.51 -8.46 -4.62
CA GLY A 259 -7.79 -8.32 -5.27
C GLY A 259 -7.68 -7.69 -6.65
N ALA A 260 -6.75 -6.76 -6.82
CA ALA A 260 -6.53 -6.15 -8.13
C ALA A 260 -5.96 -7.16 -9.11
N ALA A 261 -5.05 -8.01 -8.65
CA ALA A 261 -4.49 -9.04 -9.52
C ALA A 261 -5.57 -10.01 -9.99
N VAL A 262 -6.46 -10.41 -9.08
CA VAL A 262 -7.56 -11.30 -9.46
C VAL A 262 -8.48 -10.59 -10.45
N TYR A 263 -8.82 -9.33 -10.19
CA TYR A 263 -9.66 -8.58 -11.11
C TYR A 263 -9.04 -8.50 -12.49
N CYS A 264 -7.72 -8.25 -12.56
CA CYS A 264 -7.06 -8.15 -13.85
C CYS A 264 -7.05 -9.50 -14.57
N LEU A 265 -6.74 -10.59 -13.86
CA LEU A 265 -6.77 -11.90 -14.49
C LEU A 265 -8.18 -12.26 -14.96
N ALA A 266 -9.20 -11.70 -14.33
CA ALA A 266 -10.57 -11.90 -14.79
C ALA A 266 -10.89 -11.03 -15.99
N ARG A 267 -10.46 -9.76 -15.96
CA ARG A 267 -10.74 -8.85 -17.07
C ARG A 267 -9.85 -9.09 -18.28
N PHE A 268 -8.63 -9.62 -18.06
CA PHE A 268 -7.67 -9.91 -19.13
C PHE A 268 -7.43 -11.41 -19.16
N PRO A 269 -8.37 -12.19 -19.72
CA PRO A 269 -8.20 -13.65 -19.69
C PRO A 269 -6.97 -14.15 -20.42
N GLY A 270 -6.50 -13.41 -21.43
CA GLY A 270 -5.27 -13.81 -22.11
C GLY A 270 -4.06 -13.81 -21.20
N GLU A 271 -4.05 -12.95 -20.18
CA GLU A 271 -2.94 -12.92 -19.24
C GLU A 271 -3.03 -14.07 -18.23
N LEU A 272 -4.24 -14.46 -17.83
CA LEU A 272 -4.37 -15.66 -17.01
C LEU A 272 -3.86 -16.88 -17.75
N GLN A 273 -4.15 -16.96 -19.06
CA GLN A 273 -3.68 -18.10 -19.84
CA GLN A 273 -3.69 -18.11 -19.84
C GLN A 273 -2.17 -18.10 -19.95
N ARG A 274 -1.54 -16.93 -20.08
CA ARG A 274 -0.09 -16.88 -20.09
C ARG A 274 0.47 -17.26 -18.73
N LEU A 275 -0.16 -16.82 -17.66
CA LEU A 275 0.29 -17.15 -16.32
C LEU A 275 0.17 -18.64 -16.04
N ARG A 276 -0.94 -19.25 -16.48
CA ARG A 276 -1.09 -20.69 -16.34
C ARG A 276 0.01 -21.45 -17.07
N SER A 277 0.39 -20.97 -18.25
CA SER A 277 1.40 -21.66 -19.06
C SER A 277 2.80 -21.51 -18.47
N ASP A 278 3.05 -20.49 -17.67
CA ASP A 278 4.35 -20.30 -17.01
C ASP A 278 4.09 -19.72 -15.62
N PRO A 279 3.83 -20.58 -14.63
CA PRO A 279 3.57 -20.08 -13.27
C PRO A 279 4.73 -19.32 -12.65
N THR A 280 5.94 -19.40 -13.21
CA THR A 280 7.04 -18.60 -12.68
C THR A 280 6.88 -17.12 -13.00
N LEU A 281 5.88 -16.75 -13.81
CA LEU A 281 5.52 -15.35 -14.00
C LEU A 281 4.70 -14.79 -12.84
N ALA A 282 4.43 -15.59 -11.82
CA ALA A 282 3.53 -15.18 -10.73
C ALA A 282 4.06 -13.93 -10.04
N ARG A 283 5.36 -13.87 -9.77
CA ARG A 283 5.90 -12.73 -9.04
C ARG A 283 5.78 -11.44 -9.85
N ASN A 284 6.09 -11.50 -11.15
CA ASN A 284 5.95 -10.30 -11.97
C ASN A 284 4.49 -9.98 -12.27
N ALA A 285 3.63 -11.00 -12.31
CA ALA A 285 2.20 -10.74 -12.48
C ALA A 285 1.65 -9.91 -11.31
N PHE A 286 2.12 -10.19 -10.09
CA PHE A 286 1.70 -9.40 -8.94
C PHE A 286 2.31 -8.00 -8.97
N GLU A 287 3.59 -7.90 -9.33
CA GLU A 287 4.23 -6.60 -9.44
C GLU A 287 3.52 -5.71 -10.45
N GLU A 288 3.10 -6.30 -11.58
CA GLU A 288 2.37 -5.53 -12.56
C GLU A 288 1.00 -5.11 -12.04
N ALA A 289 0.38 -5.96 -11.21
CA ALA A 289 -0.88 -5.57 -10.59
C ALA A 289 -0.67 -4.42 -9.61
N VAL A 290 0.48 -4.38 -8.94
CA VAL A 290 0.77 -3.26 -8.04
C VAL A 290 0.95 -1.98 -8.84
N ARG A 291 1.62 -2.06 -10.00
CA ARG A 291 1.73 -0.88 -10.86
C ARG A 291 0.36 -0.49 -11.41
N PHE A 292 -0.37 -1.46 -11.95
CA PHE A 292 -1.62 -1.19 -12.65
C PHE A 292 -2.67 -0.59 -11.74
N GLU A 293 -2.79 -1.10 -10.51
N GLU A 293 -2.78 -1.11 -10.51
CA GLU A 293 -3.79 -0.61 -9.58
CA GLU A 293 -3.78 -0.66 -9.55
C GLU A 293 -3.25 0.39 -8.58
C GLU A 293 -3.24 0.41 -8.60
N SER A 294 -1.98 0.26 -8.17
CA SER A 294 -1.36 1.14 -7.19
C SER A 294 -2.24 1.25 -5.95
N PRO A 295 -2.22 0.23 -5.08
CA PRO A 295 -3.08 0.26 -3.89
C PRO A 295 -2.96 1.54 -3.09
N VAL A 296 -1.75 2.08 -2.96
CA VAL A 296 -1.55 3.40 -2.36
C VAL A 296 -1.56 4.41 -3.49
N GLN A 297 -2.64 5.19 -3.58
CA GLN A 297 -2.83 6.10 -4.72
C GLN A 297 -2.04 7.39 -4.56
N THR A 298 -2.01 7.96 -3.35
CA THR A 298 -1.47 9.28 -3.12
C THR A 298 -0.87 9.36 -1.73
N PHE A 299 0.09 10.27 -1.57
CA PHE A 299 0.45 10.79 -0.25
C PHE A 299 1.26 12.07 -0.46
N PHE A 300 1.59 12.72 0.65
CA PHE A 300 2.12 14.08 0.63
C PHE A 300 3.57 14.12 1.09
N ARG A 301 4.22 15.22 0.72
CA ARG A 301 5.45 15.69 1.34
C ARG A 301 5.24 17.15 1.71
N THR A 302 6.14 17.70 2.53
CA THR A 302 6.13 19.12 2.87
C THR A 302 7.47 19.74 2.50
N THR A 303 7.44 20.86 1.80
CA THR A 303 8.67 21.55 1.42
C THR A 303 9.34 22.16 2.66
N THR A 304 10.65 22.00 2.75
CA THR A 304 11.44 22.61 3.81
C THR A 304 12.12 23.90 3.38
N ARG A 305 11.99 24.25 2.10
CA ARG A 305 12.59 25.47 1.58
C ARG A 305 11.84 25.84 0.30
N GLU A 306 12.13 27.04 -0.20
CA GLU A 306 11.68 27.38 -1.55
C GLU A 306 12.39 26.48 -2.54
N VAL A 307 11.61 25.86 -3.44
CA VAL A 307 12.13 24.85 -4.35
C VAL A 307 11.59 25.11 -5.75
N GLU A 308 12.43 24.90 -6.75
CA GLU A 308 12.01 24.94 -8.15
C GLU A 308 11.73 23.53 -8.62
N LEU A 309 10.49 23.29 -9.05
CA LEU A 309 10.07 21.98 -9.54
C LEU A 309 9.16 22.17 -10.73
N GLY A 310 9.55 21.64 -11.89
CA GLY A 310 8.76 21.79 -13.10
C GLY A 310 8.48 23.22 -13.50
N GLY A 311 9.49 24.08 -13.44
CA GLY A 311 9.31 25.49 -13.71
C GLY A 311 8.47 26.23 -12.68
N ALA A 312 8.07 25.57 -11.60
CA ALA A 312 7.26 26.13 -10.54
C ALA A 312 8.13 26.49 -9.34
N VAL A 313 7.87 27.66 -8.75
CA VAL A 313 8.54 28.08 -7.53
C VAL A 313 7.59 27.77 -6.38
N ILE A 314 7.84 26.67 -5.68
CA ILE A 314 7.06 26.29 -4.51
C ILE A 314 7.74 26.85 -3.28
N GLY A 315 6.97 27.55 -2.44
CA GLY A 315 7.51 28.14 -1.24
C GLY A 315 7.78 27.12 -0.16
N GLU A 316 8.35 27.60 0.94
CA GLU A 316 8.61 26.76 2.10
C GLU A 316 7.30 26.42 2.80
N GLY A 317 7.27 25.25 3.43
CA GLY A 317 6.13 24.85 4.22
C GLY A 317 4.87 24.58 3.42
N GLU A 318 5.02 24.09 2.18
CA GLU A 318 3.89 23.80 1.31
C GLU A 318 3.71 22.29 1.18
N LYS A 319 2.45 21.85 1.21
CA LYS A 319 2.16 20.44 1.02
C LYS A 319 2.16 20.11 -0.47
N VAL A 320 2.82 19.00 -0.82
CA VAL A 320 2.91 18.54 -2.20
C VAL A 320 2.28 17.17 -2.27
N LEU A 321 1.25 17.03 -3.11
CA LEU A 321 0.52 15.78 -3.27
C LEU A 321 1.07 15.03 -4.47
N MET A 322 1.58 13.83 -4.22
CA MET A 322 2.08 12.94 -5.28
C MET A 322 0.99 11.96 -5.67
N PHE A 323 0.80 11.78 -6.97
CA PHE A 323 -0.17 10.83 -7.51
C PHE A 323 0.60 9.59 -7.97
N LEU A 324 0.75 8.61 -7.07
CA LEU A 324 1.51 7.41 -7.38
C LEU A 324 0.88 6.61 -8.51
N GLY A 325 -0.44 6.41 -8.45
CA GLY A 325 -1.11 5.64 -9.49
C GLY A 325 -1.02 6.32 -10.85
N SER A 326 -1.08 7.64 -10.86
CA SER A 326 -0.94 8.39 -12.10
C SER A 326 0.48 8.25 -12.66
N ALA A 327 1.48 8.35 -11.79
CA ALA A 327 2.86 8.17 -12.24
C ALA A 327 3.07 6.77 -12.83
N ASN A 328 2.35 5.78 -12.32
CA ASN A 328 2.47 4.43 -12.83
C ASN A 328 1.67 4.20 -14.11
N ARG A 329 0.92 5.20 -14.57
CA ARG A 329 0.19 5.12 -15.82
C ARG A 329 0.57 6.27 -16.76
N ASP A 330 1.67 6.95 -16.48
CA ASP A 330 2.13 8.07 -17.29
C ASP A 330 2.66 7.58 -18.62
N PRO A 331 2.04 7.95 -19.76
CA PRO A 331 2.56 7.50 -21.06
C PRO A 331 3.92 8.08 -21.41
N ARG A 332 4.36 9.13 -20.71
CA ARG A 332 5.72 9.61 -20.87
C ARG A 332 6.75 8.61 -20.36
N ARG A 333 6.33 7.66 -19.54
CA ARG A 333 7.20 6.65 -18.96
C ARG A 333 6.86 5.23 -19.38
N TRP A 334 5.58 4.91 -19.60
CA TRP A 334 5.14 3.55 -19.84
C TRP A 334 4.52 3.42 -21.23
N SER A 335 4.91 2.36 -21.94
CA SER A 335 4.21 1.99 -23.16
C SER A 335 2.93 1.25 -22.80
N ASP A 336 1.82 1.67 -23.39
CA ASP A 336 0.50 1.11 -23.11
C ASP A 336 0.24 1.02 -21.61
N PRO A 337 0.24 2.15 -20.90
CA PRO A 337 0.16 2.08 -19.43
C PRO A 337 -1.15 1.49 -18.92
N ASP A 338 -2.23 1.62 -19.68
CA ASP A 338 -3.54 1.14 -19.25
C ASP A 338 -3.75 -0.34 -19.54
N LEU A 339 -2.72 -1.06 -19.98
CA LEU A 339 -2.82 -2.49 -20.23
C LEU A 339 -2.14 -3.27 -19.12
N TYR A 340 -2.76 -4.37 -18.71
CA TYR A 340 -2.17 -5.29 -17.74
C TYR A 340 -1.35 -6.33 -18.48
N ASP A 341 -0.03 -6.30 -18.28
CA ASP A 341 0.90 -7.14 -19.02
C ASP A 341 1.85 -7.81 -18.03
N ILE A 342 1.66 -9.12 -17.80
CA ILE A 342 2.44 -9.79 -16.77
C ILE A 342 3.89 -10.02 -17.16
N THR A 343 4.28 -9.71 -18.40
CA THR A 343 5.68 -9.78 -18.80
C THR A 343 6.31 -8.41 -18.94
N ARG A 344 5.60 -7.34 -18.55
CA ARG A 344 6.14 -6.00 -18.62
C ARG A 344 7.35 -5.85 -17.71
N LYS A 345 8.33 -5.07 -18.16
CA LYS A 345 9.42 -4.65 -17.29
C LYS A 345 8.86 -3.61 -16.33
N THR A 346 8.55 -4.04 -15.11
CA THR A 346 7.89 -3.19 -14.13
C THR A 346 8.87 -2.44 -13.24
N SER A 347 10.17 -2.67 -13.39
N SER A 347 10.18 -2.67 -13.39
N SER A 347 10.17 -2.67 -13.39
CA SER A 347 11.15 -2.02 -12.54
CA SER A 347 11.16 -2.02 -12.55
CA SER A 347 11.16 -2.02 -12.55
C SER A 347 11.11 -0.51 -12.75
C SER A 347 11.12 -0.50 -12.75
C SER A 347 11.11 -0.51 -12.76
N GLY A 348 11.02 0.23 -11.65
CA GLY A 348 10.91 1.68 -11.70
C GLY A 348 9.55 2.21 -11.34
N HIS A 349 8.53 1.36 -11.28
CA HIS A 349 7.22 1.81 -10.84
C HIS A 349 7.30 2.28 -9.39
N VAL A 350 6.41 3.21 -9.04
CA VAL A 350 6.45 3.84 -7.72
C VAL A 350 5.34 3.31 -6.81
N GLY A 351 4.77 2.14 -7.14
CA GLY A 351 3.72 1.57 -6.31
C GLY A 351 4.17 1.30 -4.89
N PHE A 352 5.46 1.02 -4.68
CA PHE A 352 6.05 0.88 -3.35
C PHE A 352 6.80 2.13 -2.92
N GLY A 353 6.65 3.24 -3.64
CA GLY A 353 7.47 4.41 -3.38
C GLY A 353 8.82 4.30 -4.05
N SER A 354 9.73 5.16 -3.61
CA SER A 354 11.07 5.23 -4.17
C SER A 354 11.96 5.99 -3.21
N GLY A 355 13.21 5.54 -3.08
CA GLY A 355 14.15 6.23 -2.23
C GLY A 355 14.24 5.71 -0.80
N VAL A 356 14.51 6.60 0.15
CA VAL A 356 14.84 6.17 1.51
C VAL A 356 13.61 5.56 2.21
N HIS A 357 12.40 5.97 1.82
CA HIS A 357 11.20 5.46 2.45
C HIS A 357 10.55 4.32 1.68
N MET A 358 11.17 3.86 0.59
CA MET A 358 10.56 2.83 -0.24
C MET A 358 10.17 1.64 0.60
N CYS A 359 8.91 1.20 0.45
CA CYS A 359 8.24 0.26 1.34
C CYS A 359 9.16 -0.81 1.91
N VAL A 360 9.41 -0.75 3.22
CA VAL A 360 10.30 -1.70 3.86
C VAL A 360 9.68 -3.09 3.94
N GLY A 361 8.36 -3.20 3.78
CA GLY A 361 7.72 -4.49 3.81
C GLY A 361 7.45 -5.07 2.44
N GLN A 362 8.16 -4.56 1.42
CA GLN A 362 7.86 -4.96 0.04
C GLN A 362 8.17 -6.43 -0.21
N LEU A 363 9.09 -7.03 0.54
CA LEU A 363 9.37 -8.45 0.36
C LEU A 363 8.24 -9.32 0.91
N VAL A 364 7.60 -8.88 1.99
CA VAL A 364 6.43 -9.59 2.51
C VAL A 364 5.27 -9.49 1.52
N ALA A 365 5.01 -8.28 1.01
CA ALA A 365 3.92 -8.09 0.06
C ALA A 365 4.14 -8.91 -1.20
N ARG A 366 5.37 -8.89 -1.74
CA ARG A 366 5.64 -9.66 -2.94
C ARG A 366 5.53 -11.16 -2.68
N LEU A 367 5.92 -11.60 -1.48
CA LEU A 367 5.82 -13.02 -1.16
C LEU A 367 4.36 -13.47 -1.10
N GLU A 368 3.51 -12.70 -0.40
CA GLU A 368 2.09 -13.03 -0.34
C GLU A 368 1.46 -13.03 -1.72
N GLY A 369 1.71 -11.98 -2.50
CA GLY A 369 1.13 -11.90 -3.83
C GLY A 369 1.61 -13.01 -4.74
N GLU A 370 2.92 -13.31 -4.72
CA GLU A 370 3.48 -14.33 -5.59
C GLU A 370 2.86 -15.70 -5.32
N VAL A 371 2.85 -16.13 -4.06
CA VAL A 371 2.40 -17.49 -3.76
C VAL A 371 0.90 -17.63 -3.99
N MET A 372 0.14 -16.55 -3.86
CA MET A 372 -1.29 -16.63 -4.18
C MET A 372 -1.51 -16.73 -5.68
N LEU A 373 -0.83 -15.89 -6.46
CA LEU A 373 -0.96 -15.98 -7.91
C LEU A 373 -0.37 -17.28 -8.44
N SER A 374 0.62 -17.84 -7.74
CA SER A 374 1.15 -19.16 -8.12
C SER A 374 0.09 -20.23 -7.94
N ALA A 375 -0.60 -20.21 -6.80
CA ALA A 375 -1.65 -21.20 -6.55
C ALA A 375 -2.76 -21.09 -7.60
N LEU A 376 -3.16 -19.86 -7.94
CA LEU A 376 -4.16 -19.68 -8.98
C LEU A 376 -3.66 -20.21 -10.32
N ALA A 377 -2.39 -19.95 -10.65
CA ALA A 377 -1.84 -20.36 -11.93
C ALA A 377 -1.84 -21.88 -12.09
N ARG A 378 -1.66 -22.60 -10.98
CA ARG A 378 -1.55 -24.05 -11.04
C ARG A 378 -2.87 -24.77 -10.88
N LYS A 379 -3.87 -24.15 -10.25
CA LYS A 379 -5.09 -24.84 -9.88
C LYS A 379 -6.35 -24.34 -10.59
N VAL A 380 -6.30 -23.19 -11.25
CA VAL A 380 -7.50 -22.54 -11.78
C VAL A 380 -7.38 -22.44 -13.30
N ALA A 381 -8.46 -22.79 -13.98
CA ALA A 381 -8.52 -22.69 -15.43
C ALA A 381 -9.17 -21.39 -15.92
N ALA A 382 -10.16 -20.88 -15.20
CA ALA A 382 -10.83 -19.66 -15.61
C ALA A 382 -11.31 -18.90 -14.37
N ILE A 383 -11.35 -17.57 -14.51
CA ILE A 383 -11.87 -16.67 -13.48
C ILE A 383 -12.86 -15.75 -14.18
N ASP A 384 -14.14 -15.89 -13.84
CA ASP A 384 -15.21 -15.17 -14.52
C ASP A 384 -16.00 -14.37 -13.50
N ILE A 385 -16.11 -13.06 -13.72
CA ILE A 385 -16.95 -12.22 -12.89
C ILE A 385 -18.41 -12.63 -13.10
N ASP A 386 -19.11 -12.93 -12.00
CA ASP A 386 -20.49 -13.40 -12.09
C ASP A 386 -21.40 -12.65 -11.11
N GLY A 387 -21.09 -11.38 -10.85
CA GLY A 387 -21.89 -10.58 -9.96
C GLY A 387 -21.49 -9.12 -9.98
N PRO A 388 -22.27 -8.28 -9.30
CA PRO A 388 -21.97 -6.84 -9.25
C PRO A 388 -20.64 -6.58 -8.56
N VAL A 389 -19.78 -5.82 -9.23
CA VAL A 389 -18.49 -5.41 -8.67
C VAL A 389 -18.70 -4.11 -7.92
N LYS A 390 -18.20 -4.05 -6.68
CA LYS A 390 -18.37 -2.89 -5.81
C LYS A 390 -17.00 -2.36 -5.39
N ARG A 391 -16.85 -1.05 -5.48
CA ARG A 391 -15.59 -0.39 -5.12
C ARG A 391 -15.58 -0.07 -3.63
N ARG A 392 -14.38 -0.10 -3.06
CA ARG A 392 -14.15 0.30 -1.67
C ARG A 392 -13.49 1.67 -1.65
N PHE A 393 -14.06 2.59 -0.88
CA PHE A 393 -13.64 3.99 -0.90
C PHE A 393 -12.76 4.31 0.31
N ASN A 394 -11.64 4.96 0.03
CA ASN A 394 -10.65 5.33 1.04
C ASN A 394 -9.90 6.56 0.54
N ASN A 395 -9.53 7.44 1.46
CA ASN A 395 -8.86 8.68 1.05
C ASN A 395 -7.52 8.41 0.39
N THR A 396 -6.88 7.30 0.73
CA THR A 396 -5.52 6.99 0.28
C THR A 396 -5.43 5.71 -0.54
N LEU A 397 -6.32 4.75 -0.31
CA LEU A 397 -6.21 3.42 -0.91
C LEU A 397 -7.23 3.24 -2.03
N ARG A 398 -6.81 2.55 -3.08
CA ARG A 398 -7.70 2.10 -4.15
C ARG A 398 -7.85 0.59 -4.06
N GLY A 399 -9.08 0.11 -4.13
CA GLY A 399 -9.33 -1.31 -4.08
C GLY A 399 -10.82 -1.57 -4.15
N LEU A 400 -11.16 -2.84 -4.32
CA LEU A 400 -12.54 -3.27 -4.46
C LEU A 400 -13.12 -3.69 -3.11
N GLU A 401 -14.44 -3.52 -2.98
CA GLU A 401 -15.19 -3.97 -1.82
C GLU A 401 -15.72 -5.39 -2.01
N SER A 402 -16.15 -5.71 -3.23
CA SER A 402 -16.66 -7.04 -3.54
C SER A 402 -16.35 -7.39 -4.98
N LEU A 403 -15.89 -8.61 -5.20
CA LEU A 403 -15.54 -9.11 -6.54
C LEU A 403 -16.07 -10.53 -6.70
N PRO A 404 -17.36 -10.67 -7.04
CA PRO A 404 -17.93 -12.01 -7.23
C PRO A 404 -17.36 -12.67 -8.47
N VAL A 405 -16.75 -13.83 -8.29
CA VAL A 405 -16.13 -14.57 -9.39
C VAL A 405 -16.48 -16.04 -9.28
N LYS A 406 -16.55 -16.70 -10.42
CA LYS A 406 -16.64 -18.16 -10.49
C LYS A 406 -15.26 -18.69 -10.85
N LEU A 407 -14.74 -19.60 -10.03
CA LEU A 407 -13.43 -20.22 -10.26
C LEU A 407 -13.64 -21.60 -10.88
N THR A 408 -13.07 -21.79 -12.07
CA THR A 408 -13.15 -23.08 -12.75
C THR A 408 -11.87 -23.85 -12.50
N PRO A 409 -11.93 -25.06 -11.94
CA PRO A 409 -10.71 -25.81 -11.66
C PRO A 409 -9.99 -26.25 -12.94
N ALA A 410 -8.67 -26.26 -12.86
CA ALA A 410 -7.83 -26.68 -13.98
C ALA A 410 -7.88 -28.20 -14.14
C10 IRJ B . 1.31 5.41 4.23
C13 IRJ B . 2.22 5.54 1.62
C15 IRJ B . 3.53 3.00 6.07
C16 IRJ B . 3.94 3.13 7.37
C02 IRJ B . 3.45 3.46 9.81
C04 IRJ B . 3.00 3.32 8.37
C05 IRJ B . 1.65 3.38 8.07
C06 IRJ B . 1.24 3.25 6.75
C07 IRJ B . 2.18 3.07 5.75
C08 IRJ B . 1.74 2.92 4.30
C09 IRJ B . 1.75 4.27 3.58
C11 IRJ B . 1.32 6.62 3.56
C12 IRJ B . 1.78 6.69 2.27
C14 IRJ B . 2.21 4.32 2.28
O01 IRJ B . 4.69 3.60 10.06
O03 IRJ B . 2.62 3.44 10.74
CHA HEM C . 6.15 2.38 3.06
CHB HEM C . 3.11 0.83 -0.40
CHC HEM C . 3.09 -3.54 1.66
CHD HEM C . 5.10 -1.63 5.62
C1A HEM C . 5.40 2.33 1.90
C2A HEM C . 5.37 3.34 0.84
C3A HEM C . 4.52 2.89 -0.11
C4A HEM C . 4.00 1.61 0.31
CMA HEM C . 4.16 3.64 -1.41
CAA HEM C . 6.14 4.67 0.79
CBA HEM C . 5.65 5.64 1.85
CGA HEM C . 6.28 7.00 1.66
O1A HEM C . 5.90 7.95 2.39
O2A HEM C . 7.19 7.13 0.79
C1B HEM C . 2.87 -0.51 -0.19
C2B HEM C . 2.16 -1.42 -1.08
C3B HEM C . 2.15 -2.63 -0.49
C4B HEM C . 2.86 -2.53 0.76
CMB HEM C . 1.53 -0.99 -2.43
CAB HEM C . 1.55 -3.97 -0.98
CBB HEM C . 1.10 -4.21 -2.22
C1C HEM C . 3.64 -3.42 2.90
C2C HEM C . 3.88 -4.50 3.85
C3C HEM C . 4.43 -3.97 4.96
C4C HEM C . 4.57 -2.54 4.73
CMC HEM C . 3.51 -5.97 3.55
CAC HEM C . 4.88 -4.67 6.26
CBC HEM C . 4.89 -5.99 6.46
C1D HEM C . 5.58 -0.37 5.29
C2D HEM C . 6.32 0.54 6.14
C3D HEM C . 6.60 1.64 5.43
C4D HEM C . 6.07 1.47 4.10
CMD HEM C . 6.71 0.29 7.62
CAD HEM C . 7.39 2.87 5.93
CBD HEM C . 8.80 2.73 5.36
CGD HEM C . 9.60 3.98 5.55
O1D HEM C . 10.85 3.92 5.39
O2D HEM C . 9.01 5.04 5.88
NA HEM C . 4.56 1.30 1.53
NB HEM C . 3.28 -1.23 0.92
NC HEM C . 4.09 -2.24 3.47
ND HEM C . 5.45 0.23 4.06
FE HEM C . 4.44 -0.55 2.45
CL CL D . -3.13 4.05 17.39
#